data_8I5E
#
_entry.id   8I5E
#
_cell.length_a   49.140
_cell.length_b   67.697
_cell.length_c   73.100
_cell.angle_alpha   90.000
_cell.angle_beta   100.880
_cell.angle_gamma   90.000
#
_symmetry.space_group_name_H-M   'P 1 21 1'
#
loop_
_entity.id
_entity.type
_entity.pdbx_description
1 polymer 'MHC class I antigen (Fragment)'
2 polymer Beta-2-microglobulin
3 polymer KRAS-G12wt-9
4 water water
#
loop_
_entity_poly.entity_id
_entity_poly.type
_entity_poly.pdbx_seq_one_letter_code
_entity_poly.pdbx_strand_id
1 'polypeptide(L)'
;GSHSMRYFYTSVSRPGRGEPRFIAVGYVDDTQFVRFDSDAASQRMEPRAPWIEQEGPEYWDQETRNVKAQSQTDRVDLGT
LRGYYNQSEDGSHTIQIMYGCDVGPDGRFLRGYRQDAYDGKDYIALNEDLRSWTAADMAAQITKRKWEAAHAAEQQRAYL
EGRCVEWLRRYLENGKETLQRTDPPKTHMTHHPISDHEATLRCWALGFYPAEITLTWQRDGEDQTQDTELVETRPAGDGT
FQKWVAVVVPSGQEQRYTCHVQHEGLPKPLTLRW
;
H
2 'polypeptide(L)'
;IQRTPKIQVYSRHPAENGKSNFLNCYVSGFHPSDIEVDLLKNGERIEKVEHSDLSFSKDWSFYLLYYTEFTPTEKDEYAC
RVNHVTLSQPKIVKWDRDM
;
L
3 'polypeptide(L)' VVGAGGVGK P
#
# COMPACT_ATOMS: atom_id res chain seq x y z
N GLY A 1 -14.22 1.55 14.65
CA GLY A 1 -14.26 3.00 14.42
C GLY A 1 -14.75 3.40 13.04
N SER A 2 -14.05 4.34 12.42
CA SER A 2 -14.40 4.79 11.08
C SER A 2 -13.99 3.75 10.04
N HIS A 3 -14.48 3.89 8.81
CA HIS A 3 -14.16 2.90 7.79
C HIS A 3 -14.05 3.58 6.44
N SER A 4 -13.33 2.90 5.53
CA SER A 4 -13.09 3.43 4.20
C SER A 4 -13.15 2.30 3.19
N MET A 5 -13.58 2.63 1.98
CA MET A 5 -13.42 1.76 0.82
C MET A 5 -12.67 2.55 -0.22
N ARG A 6 -11.64 1.93 -0.82
CA ARG A 6 -10.79 2.64 -1.77
C ARG A 6 -10.40 1.73 -2.91
N TYR A 7 -10.43 2.29 -4.13
CA TYR A 7 -9.93 1.62 -5.32
C TYR A 7 -8.70 2.36 -5.85
N PHE A 8 -7.69 1.59 -6.24
CA PHE A 8 -6.45 2.13 -6.77
C PHE A 8 -6.23 1.56 -8.16
N TYR A 9 -6.16 2.43 -9.17
CA TYR A 9 -5.89 2.07 -10.55
C TYR A 9 -4.52 2.58 -10.99
N THR A 10 -3.77 1.74 -11.67
CA THR A 10 -2.53 2.15 -12.31
C THR A 10 -2.52 1.73 -13.77
N SER A 11 -2.25 2.68 -14.66
CA SER A 11 -2.13 2.39 -16.08
C SER A 11 -0.78 2.88 -16.56
N VAL A 12 -0.01 1.97 -17.13
CA VAL A 12 1.39 2.22 -17.47
C VAL A 12 1.58 1.90 -18.94
N SER A 13 1.97 2.90 -19.73
CA SER A 13 2.34 2.61 -21.11
C SER A 13 3.75 2.02 -21.12
N ARG A 14 3.98 1.09 -22.05
CA ARG A 14 5.28 0.46 -22.21
C ARG A 14 5.57 0.36 -23.69
N PRO A 15 6.01 1.45 -24.30
CA PRO A 15 6.34 1.43 -25.73
C PRO A 15 7.38 0.36 -26.01
N GLY A 16 7.16 -0.41 -27.06
CA GLY A 16 8.10 -1.46 -27.39
C GLY A 16 7.99 -2.69 -26.52
N ARG A 17 7.00 -2.75 -25.63
CA ARG A 17 6.80 -3.93 -24.80
C ARG A 17 5.35 -4.36 -24.77
N GLY A 18 4.49 -3.80 -25.61
CA GLY A 18 3.10 -4.19 -25.72
C GLY A 18 2.16 -3.05 -25.42
N GLU A 19 0.88 -3.39 -25.27
CA GLU A 19 -0.15 -2.44 -24.91
C GLU A 19 0.00 -2.01 -23.45
N PRO A 20 -0.68 -0.93 -23.05
CA PRO A 20 -0.54 -0.45 -21.66
C PRO A 20 -1.00 -1.49 -20.66
N ARG A 21 -0.34 -1.51 -19.52
CA ARG A 21 -0.73 -2.42 -18.46
C ARG A 21 -1.68 -1.71 -17.49
N PHE A 22 -2.72 -2.41 -17.08
CA PHE A 22 -3.73 -1.88 -16.17
C PHE A 22 -3.88 -2.80 -14.97
N ILE A 23 -3.76 -2.24 -13.78
CA ILE A 23 -3.91 -2.98 -12.52
C ILE A 23 -4.85 -2.21 -11.62
N ALA A 24 -5.88 -2.89 -11.12
CA ALA A 24 -6.83 -2.30 -10.19
C ALA A 24 -6.89 -3.14 -8.92
N VAL A 25 -6.96 -2.48 -7.77
CA VAL A 25 -7.14 -3.16 -6.50
C VAL A 25 -8.13 -2.38 -5.67
N GLY A 26 -8.92 -3.10 -4.88
CA GLY A 26 -9.91 -2.50 -4.02
C GLY A 26 -9.64 -2.89 -2.57
N TYR A 27 -9.74 -1.91 -1.68
CA TYR A 27 -9.52 -2.14 -0.27
C TYR A 27 -10.79 -1.79 0.51
N VAL A 28 -11.00 -2.49 1.61
CA VAL A 28 -11.82 -2.01 2.72
C VAL A 28 -10.87 -1.85 3.89
N ASP A 29 -10.76 -0.62 4.40
CA ASP A 29 -9.71 -0.27 5.36
C ASP A 29 -8.35 -0.80 4.86
N ASP A 30 -7.66 -1.61 5.64
CA ASP A 30 -6.35 -2.15 5.23
C ASP A 30 -6.43 -3.57 4.69
N THR A 31 -7.59 -3.97 4.16
CA THR A 31 -7.82 -5.32 3.66
C THR A 31 -8.13 -5.24 2.17
N GLN A 32 -7.29 -5.82 1.34
CA GLN A 32 -7.59 -5.94 -0.08
C GLN A 32 -8.65 -7.00 -0.31
N PHE A 33 -9.59 -6.73 -1.21
CA PHE A 33 -10.64 -7.72 -1.48
C PHE A 33 -10.88 -8.01 -2.95
N VAL A 34 -10.45 -7.15 -3.88
CA VAL A 34 -10.52 -7.48 -5.31
C VAL A 34 -9.22 -7.05 -5.98
N ARG A 35 -9.04 -7.54 -7.20
CA ARG A 35 -7.85 -7.33 -7.99
C ARG A 35 -8.25 -7.50 -9.44
N PHE A 36 -7.76 -6.63 -10.31
CA PHE A 36 -7.80 -6.87 -11.75
C PHE A 36 -6.43 -6.55 -12.31
N ASP A 37 -5.86 -7.49 -13.04
CA ASP A 37 -4.56 -7.31 -13.66
C ASP A 37 -4.71 -7.63 -15.15
N SER A 38 -4.46 -6.63 -15.99
CA SER A 38 -4.67 -6.81 -17.43
C SER A 38 -3.73 -7.86 -18.02
N ASP A 39 -2.60 -8.12 -17.38
CA ASP A 39 -1.70 -9.13 -17.91
C ASP A 39 -2.08 -10.53 -17.46
N ALA A 40 -2.89 -10.66 -16.41
CA ALA A 40 -3.24 -11.97 -15.89
C ALA A 40 -4.09 -12.74 -16.89
N ALA A 41 -4.27 -14.03 -16.61
CA ALA A 41 -4.88 -14.92 -17.58
C ALA A 41 -6.40 -14.86 -17.56
N SER A 42 -7.00 -14.64 -16.39
CA SER A 42 -8.45 -14.73 -16.30
C SER A 42 -9.15 -13.65 -17.09
N GLN A 43 -8.56 -12.47 -17.21
CA GLN A 43 -9.24 -11.29 -17.69
C GLN A 43 -10.52 -11.02 -16.89
N ARG A 44 -10.51 -11.39 -15.61
CA ARG A 44 -11.66 -11.18 -14.74
C ARG A 44 -11.21 -10.47 -13.49
N MET A 45 -12.09 -9.63 -12.94
CA MET A 45 -11.92 -9.20 -11.55
C MET A 45 -12.03 -10.41 -10.65
N GLU A 46 -11.10 -10.51 -9.70
CA GLU A 46 -10.90 -11.71 -8.89
C GLU A 46 -11.03 -11.40 -7.40
N PRO A 47 -11.53 -12.36 -6.62
CA PRO A 47 -11.61 -12.17 -5.16
C PRO A 47 -10.22 -12.19 -4.54
N ARG A 48 -10.05 -11.39 -3.48
CA ARG A 48 -8.80 -11.42 -2.72
C ARG A 48 -9.02 -11.44 -1.21
N ALA A 49 -10.27 -11.55 -0.76
CA ALA A 49 -10.64 -11.76 0.62
C ALA A 49 -11.77 -12.79 0.62
N PRO A 50 -11.82 -13.66 1.63
CA PRO A 50 -12.82 -14.75 1.60
C PRO A 50 -14.25 -14.23 1.53
N TRP A 51 -14.56 -13.13 2.19
CA TRP A 51 -15.94 -12.66 2.28
C TRP A 51 -16.47 -12.08 0.98
N ILE A 52 -15.61 -11.63 0.05
CA ILE A 52 -16.18 -11.10 -1.17
C ILE A 52 -16.72 -12.23 -2.04
N GLU A 53 -16.30 -13.47 -1.78
CA GLU A 53 -16.71 -14.59 -2.61
C GLU A 53 -18.20 -14.90 -2.49
N GLN A 54 -18.87 -14.39 -1.46
CA GLN A 54 -20.30 -14.64 -1.33
C GLN A 54 -21.14 -13.76 -2.24
N GLU A 55 -20.52 -12.91 -3.06
CA GLU A 55 -21.24 -12.24 -4.14
C GLU A 55 -21.48 -13.23 -5.26
N GLY A 56 -22.65 -13.12 -5.91
CA GLY A 56 -23.02 -14.03 -6.97
C GLY A 56 -22.33 -13.70 -8.27
N PRO A 57 -22.49 -14.58 -9.26
CA PRO A 57 -21.72 -14.42 -10.50
C PRO A 57 -22.04 -13.12 -11.24
N GLU A 58 -23.24 -12.56 -11.04
CA GLU A 58 -23.56 -11.28 -11.67
C GLU A 58 -22.71 -10.16 -11.11
N TYR A 59 -22.30 -10.26 -9.85
CA TYR A 59 -21.35 -9.30 -9.28
C TYR A 59 -20.04 -9.30 -10.06
N TRP A 60 -19.42 -10.48 -10.19
CA TRP A 60 -18.14 -10.58 -10.89
C TRP A 60 -18.26 -10.20 -12.37
N ASP A 61 -19.41 -10.52 -12.99
CA ASP A 61 -19.64 -10.07 -14.36
C ASP A 61 -19.65 -8.56 -14.44
N GLN A 62 -20.43 -7.91 -13.56
CA GLN A 62 -20.59 -6.45 -13.58
C GLN A 62 -19.29 -5.75 -13.18
N GLU A 63 -18.61 -6.26 -12.16
CA GLU A 63 -17.33 -5.67 -11.75
C GLU A 63 -16.31 -5.77 -12.86
N THR A 64 -16.22 -6.94 -13.50
CA THR A 64 -15.22 -7.15 -14.54
C THR A 64 -15.41 -6.18 -15.69
N ARG A 65 -16.67 -5.95 -16.10
CA ARG A 65 -16.85 -5.09 -17.26
C ARG A 65 -16.64 -3.61 -16.92
N ASN A 66 -16.97 -3.19 -15.69
CA ASN A 66 -16.69 -1.80 -15.31
C ASN A 66 -15.19 -1.54 -15.19
N VAL A 67 -14.46 -2.44 -14.50
CA VAL A 67 -13.02 -2.26 -14.44
C VAL A 67 -12.43 -2.20 -15.85
N LYS A 68 -12.78 -3.19 -16.70
CA LYS A 68 -12.31 -3.18 -18.08
C LYS A 68 -12.60 -1.85 -18.74
N ALA A 69 -13.77 -1.28 -18.45
CA ALA A 69 -14.12 -0.01 -19.09
C ALA A 69 -13.15 1.09 -18.68
N GLN A 70 -12.74 1.10 -17.40
CA GLN A 70 -11.83 2.13 -16.95
C GLN A 70 -10.47 2.00 -17.60
N SER A 71 -9.95 0.76 -17.72
CA SER A 71 -8.66 0.59 -18.39
C SER A 71 -8.72 1.08 -19.82
N GLN A 72 -9.81 0.76 -20.50
CA GLN A 72 -10.06 1.27 -21.85
C GLN A 72 -9.96 2.79 -21.88
N THR A 73 -10.69 3.48 -21.00
CA THR A 73 -10.62 4.93 -20.90
C THR A 73 -9.20 5.40 -20.60
N ASP A 74 -8.47 4.67 -19.75
CA ASP A 74 -7.09 5.04 -19.43
C ASP A 74 -6.22 5.01 -20.67
N ARG A 75 -6.35 3.95 -21.48
CA ARG A 75 -5.62 3.89 -22.74
C ARG A 75 -5.87 5.15 -23.58
N VAL A 76 -7.13 5.56 -23.71
CA VAL A 76 -7.41 6.80 -24.43
C VAL A 76 -6.68 7.96 -23.77
N ASP A 77 -6.73 8.04 -22.43
CA ASP A 77 -6.13 9.16 -21.72
C ASP A 77 -4.61 9.19 -21.85
N LEU A 78 -3.96 8.02 -21.87
CA LEU A 78 -2.52 7.99 -22.10
C LEU A 78 -2.17 8.66 -23.42
N GLY A 79 -2.95 8.41 -24.45
CA GLY A 79 -2.70 9.08 -25.72
C GLY A 79 -3.02 10.55 -25.65
N THR A 80 -4.16 10.89 -25.03
CA THR A 80 -4.56 12.29 -24.95
C THR A 80 -3.54 13.12 -24.17
N LEU A 81 -3.18 12.68 -22.96
CA LEU A 81 -2.29 13.49 -22.12
C LEU A 81 -0.93 13.67 -22.77
N ARG A 82 -0.46 12.67 -23.51
CA ARG A 82 0.74 12.81 -24.32
C ARG A 82 0.64 14.01 -25.26
N GLY A 83 -0.53 14.22 -25.86
CA GLY A 83 -0.76 15.42 -26.63
C GLY A 83 -0.62 16.69 -25.80
N TYR A 84 -1.40 16.81 -24.72
CA TYR A 84 -1.35 17.98 -23.85
C TYR A 84 0.07 18.41 -23.53
N TYR A 85 0.96 17.45 -23.32
CA TYR A 85 2.32 17.70 -22.86
C TYR A 85 3.35 17.54 -23.97
N ASN A 86 2.92 17.30 -25.21
CA ASN A 86 3.80 17.11 -26.37
C ASN A 86 4.92 16.13 -26.04
N GLN A 87 4.54 14.92 -25.66
CA GLN A 87 5.49 13.86 -25.37
C GLN A 87 5.47 12.84 -26.49
N SER A 88 6.64 12.29 -26.82
CA SER A 88 6.73 11.32 -27.89
C SER A 88 6.24 9.96 -27.43
N GLU A 89 5.87 9.12 -28.40
CA GLU A 89 5.36 7.78 -28.11
C GLU A 89 6.43 6.83 -27.60
N ASP A 90 7.70 7.22 -27.64
CA ASP A 90 8.77 6.35 -27.18
C ASP A 90 8.86 6.25 -25.68
N GLY A 91 8.10 7.04 -24.94
CA GLY A 91 8.26 7.16 -23.50
C GLY A 91 7.14 6.44 -22.77
N SER A 92 7.50 5.89 -21.61
CA SER A 92 6.53 5.28 -20.72
C SER A 92 5.92 6.36 -19.83
N HIS A 93 4.61 6.27 -19.61
CA HIS A 93 3.92 7.20 -18.73
C HIS A 93 2.86 6.44 -17.96
N THR A 94 2.42 7.06 -16.85
CA THR A 94 1.64 6.39 -15.84
C THR A 94 0.48 7.27 -15.41
N ILE A 95 -0.72 6.71 -15.44
CA ILE A 95 -1.91 7.36 -14.91
C ILE A 95 -2.33 6.58 -13.67
N GLN A 96 -2.50 7.28 -12.57
CA GLN A 96 -2.96 6.64 -11.36
C GLN A 96 -4.26 7.29 -10.93
N ILE A 97 -5.14 6.50 -10.33
CA ILE A 97 -6.45 6.98 -9.89
C ILE A 97 -6.77 6.32 -8.56
N MET A 98 -7.18 7.12 -7.59
CA MET A 98 -7.64 6.60 -6.31
C MET A 98 -8.98 7.26 -6.00
N TYR A 99 -9.96 6.46 -5.60
CA TYR A 99 -11.25 7.04 -5.19
C TYR A 99 -11.86 6.15 -4.13
N GLY A 100 -12.77 6.73 -3.36
CA GLY A 100 -13.52 5.95 -2.40
C GLY A 100 -14.31 6.84 -1.46
N CYS A 101 -14.82 6.20 -0.41
CA CYS A 101 -15.72 6.86 0.53
C CYS A 101 -15.38 6.39 1.93
N ASP A 102 -15.61 7.26 2.91
CA ASP A 102 -15.50 6.93 4.33
C ASP A 102 -16.88 6.94 4.98
N VAL A 103 -17.08 6.03 5.93
CA VAL A 103 -18.26 6.02 6.78
C VAL A 103 -17.80 6.03 8.23
N GLY A 104 -18.64 6.59 9.10
CA GLY A 104 -18.32 6.64 10.49
C GLY A 104 -18.50 5.29 11.17
N PRO A 105 -18.35 5.30 12.49
CA PRO A 105 -18.61 4.05 13.23
C PRO A 105 -20.05 3.55 13.09
N ASP A 106 -20.96 4.37 12.59
CA ASP A 106 -22.37 4.02 12.45
C ASP A 106 -22.78 3.82 11.00
N GLY A 107 -21.82 3.70 10.08
CA GLY A 107 -22.10 3.48 8.68
C GLY A 107 -22.57 4.69 7.92
N ARG A 108 -22.47 5.88 8.50
CA ARG A 108 -22.94 7.10 7.85
C ARG A 108 -21.85 7.73 7.01
N PHE A 109 -22.25 8.21 5.83
CA PHE A 109 -21.31 8.85 4.92
C PHE A 109 -20.57 9.98 5.63
N LEU A 110 -19.26 10.01 5.44
CA LEU A 110 -18.38 11.03 5.99
C LEU A 110 -17.72 11.87 4.90
N ARG A 111 -17.10 11.22 3.92
CA ARG A 111 -16.28 11.90 2.93
C ARG A 111 -16.25 11.05 1.67
N GLY A 112 -16.14 11.73 0.53
CA GLY A 112 -15.87 11.08 -0.73
C GLY A 112 -14.62 11.68 -1.33
N TYR A 113 -13.92 10.88 -2.15
CA TYR A 113 -12.66 11.28 -2.75
C TYR A 113 -12.57 10.74 -4.17
N ARG A 114 -11.78 11.45 -4.99
CA ARG A 114 -11.39 10.99 -6.30
C ARG A 114 -10.23 11.87 -6.76
N GLN A 115 -9.05 11.27 -6.99
CA GLN A 115 -7.87 12.02 -7.40
C GLN A 115 -7.10 11.24 -8.45
N ASP A 116 -6.46 11.98 -9.36
CA ASP A 116 -5.76 11.41 -10.50
C ASP A 116 -4.36 11.98 -10.57
N ALA A 117 -3.40 11.13 -10.86
CA ALA A 117 -2.04 11.57 -11.06
C ALA A 117 -1.58 11.21 -12.46
N TYR A 118 -0.57 11.94 -12.92
CA TYR A 118 0.11 11.60 -14.17
C TYR A 118 1.59 11.62 -13.87
N ASP A 119 2.26 10.52 -14.18
CA ASP A 119 3.70 10.38 -13.95
C ASP A 119 4.05 10.63 -12.48
N GLY A 120 3.16 10.29 -11.55
CA GLY A 120 3.43 10.41 -10.14
C GLY A 120 3.10 11.76 -9.51
N LYS A 121 2.60 12.71 -10.28
CA LYS A 121 2.28 14.05 -9.80
C LYS A 121 0.78 14.30 -9.91
N ASP A 122 0.22 15.01 -8.93
CA ASP A 122 -1.17 15.44 -9.00
C ASP A 122 -1.50 15.95 -10.39
N TYR A 123 -2.60 15.47 -10.94
CA TYR A 123 -3.10 15.93 -12.22
C TYR A 123 -4.42 16.66 -12.02
N ILE A 124 -5.47 15.95 -11.60
CA ILE A 124 -6.74 16.59 -11.28
C ILE A 124 -7.36 15.82 -10.13
N ALA A 125 -8.10 16.54 -9.29
CA ALA A 125 -8.73 15.94 -8.12
C ALA A 125 -10.06 16.60 -7.89
N LEU A 126 -10.99 15.83 -7.31
CA LEU A 126 -12.32 16.30 -6.96
C LEU A 126 -12.26 16.99 -5.60
N ASN A 127 -12.90 18.16 -5.49
CA ASN A 127 -12.91 18.89 -4.22
C ASN A 127 -13.85 18.24 -3.22
N GLU A 128 -13.70 18.64 -1.96
CA GLU A 128 -14.43 17.98 -0.87
C GLU A 128 -15.94 18.10 -1.05
N ASP A 129 -16.42 19.20 -1.66
CA ASP A 129 -17.84 19.38 -1.93
C ASP A 129 -18.40 18.38 -2.92
N LEU A 130 -17.52 17.62 -3.59
CA LEU A 130 -17.91 16.64 -4.61
C LEU A 130 -18.71 17.26 -5.75
N ARG A 131 -18.46 18.54 -6.05
CA ARG A 131 -19.06 19.19 -7.21
C ARG A 131 -18.09 20.04 -8.02
N SER A 132 -16.94 20.41 -7.47
CA SER A 132 -15.92 21.14 -8.22
C SER A 132 -14.63 20.34 -8.29
N TRP A 133 -13.75 20.74 -9.23
CA TRP A 133 -12.47 20.08 -9.48
C TRP A 133 -11.32 21.06 -9.23
N THR A 134 -10.14 20.50 -8.96
CA THR A 134 -8.91 21.29 -8.81
C THR A 134 -7.86 20.75 -9.77
N ALA A 135 -7.50 21.56 -10.77
CA ALA A 135 -6.52 21.19 -11.78
C ALA A 135 -5.14 21.55 -11.28
N ALA A 136 -4.20 20.60 -11.40
CA ALA A 136 -2.88 20.80 -10.87
C ALA A 136 -2.00 21.66 -11.76
N ASP A 137 -2.17 21.56 -13.09
CA ASP A 137 -1.36 22.36 -14.01
C ASP A 137 -2.22 22.77 -15.20
N MET A 138 -1.56 23.31 -16.23
CA MET A 138 -2.25 23.84 -17.39
C MET A 138 -2.98 22.74 -18.15
N ALA A 139 -2.32 21.60 -18.36
CA ALA A 139 -2.93 20.50 -19.10
C ALA A 139 -4.18 19.99 -18.40
N ALA A 140 -4.13 19.85 -17.09
CA ALA A 140 -5.28 19.34 -16.35
C ALA A 140 -6.47 20.28 -16.45
N GLN A 141 -6.24 21.58 -16.70
CA GLN A 141 -7.36 22.49 -16.89
C GLN A 141 -8.18 22.14 -18.12
N ILE A 142 -7.52 21.69 -19.19
CA ILE A 142 -8.26 21.19 -20.34
C ILE A 142 -9.18 20.05 -19.91
N THR A 143 -8.67 19.13 -19.09
CA THR A 143 -9.52 18.06 -18.58
C THR A 143 -10.61 18.62 -17.68
N LYS A 144 -10.27 19.59 -16.82
CA LYS A 144 -11.26 20.21 -15.95
C LYS A 144 -12.45 20.73 -16.74
N ARG A 145 -12.18 21.45 -17.84
CA ARG A 145 -13.28 21.97 -18.64
C ARG A 145 -14.07 20.84 -19.31
N LYS A 146 -13.37 19.84 -19.85
CA LYS A 146 -14.07 18.69 -20.40
C LYS A 146 -15.01 18.08 -19.36
N TRP A 147 -14.56 17.99 -18.10
CA TRP A 147 -15.32 17.31 -17.05
C TRP A 147 -16.40 18.21 -16.44
N GLU A 148 -16.21 19.53 -16.47
CA GLU A 148 -17.32 20.43 -16.16
C GLU A 148 -18.41 20.32 -17.23
N ALA A 149 -17.99 20.23 -18.49
CA ALA A 149 -18.95 20.16 -19.59
C ALA A 149 -19.79 18.88 -19.54
N ALA A 150 -19.22 17.78 -19.06
CA ALA A 150 -19.92 16.51 -19.05
C ALA A 150 -20.59 16.20 -17.72
N HIS A 151 -20.54 17.12 -16.76
CA HIS A 151 -21.11 16.90 -15.43
C HIS A 151 -20.55 15.62 -14.82
N ALA A 152 -19.25 15.42 -14.99
CA ALA A 152 -18.60 14.24 -14.40
C ALA A 152 -18.74 14.24 -12.89
N ALA A 153 -18.61 15.41 -12.27
CA ALA A 153 -18.67 15.47 -10.81
C ALA A 153 -19.98 14.89 -10.27
N GLU A 154 -21.08 15.13 -10.98
CA GLU A 154 -22.37 14.67 -10.48
C GLU A 154 -22.54 13.16 -10.67
N GLN A 155 -22.01 12.61 -11.75
CA GLN A 155 -21.85 11.16 -11.83
C GLN A 155 -21.02 10.66 -10.66
N GLN A 156 -19.87 11.30 -10.44
CA GLN A 156 -18.94 10.86 -9.40
C GLN A 156 -19.54 11.04 -8.02
N ARG A 157 -20.21 12.17 -7.78
CA ARG A 157 -20.81 12.39 -6.45
C ARG A 157 -21.92 11.39 -6.19
N ALA A 158 -22.68 11.02 -7.22
CA ALA A 158 -23.77 10.07 -7.03
C ALA A 158 -23.21 8.70 -6.68
N TYR A 159 -22.09 8.32 -7.28
CA TYR A 159 -21.45 7.07 -6.91
C TYR A 159 -20.93 7.12 -5.48
N LEU A 160 -20.21 8.19 -5.13
CA LEU A 160 -19.52 8.24 -3.85
C LEU A 160 -20.51 8.23 -2.69
N GLU A 161 -21.58 8.99 -2.78
CA GLU A 161 -22.58 9.02 -1.73
C GLU A 161 -23.65 7.93 -1.87
N GLY A 162 -23.62 7.17 -2.96
CA GLY A 162 -24.64 6.18 -3.20
C GLY A 162 -24.08 4.78 -3.09
N ARG A 163 -23.76 4.17 -4.23
CA ARG A 163 -23.27 2.79 -4.25
C ARG A 163 -22.04 2.60 -3.36
N CYS A 164 -21.11 3.55 -3.39
CA CYS A 164 -19.86 3.38 -2.65
C CYS A 164 -20.13 3.15 -1.17
N VAL A 165 -20.92 4.03 -0.54
CA VAL A 165 -21.23 3.82 0.87
C VAL A 165 -22.12 2.59 1.06
N GLU A 166 -23.02 2.33 0.11
CA GLU A 166 -23.94 1.21 0.27
C GLU A 166 -23.20 -0.11 0.30
N TRP A 167 -22.33 -0.35 -0.69
CA TRP A 167 -21.58 -1.59 -0.71
C TRP A 167 -20.49 -1.61 0.36
N LEU A 168 -19.94 -0.44 0.72
CA LEU A 168 -19.01 -0.42 1.85
C LEU A 168 -19.71 -0.92 3.10
N ARG A 169 -20.88 -0.37 3.41
CA ARG A 169 -21.67 -0.89 4.52
C ARG A 169 -21.91 -2.39 4.35
N ARG A 170 -22.30 -2.81 3.14
CA ARG A 170 -22.57 -4.22 2.88
C ARG A 170 -21.34 -5.07 3.18
N TYR A 171 -20.18 -4.67 2.66
CA TYR A 171 -18.97 -5.47 2.87
C TYR A 171 -18.59 -5.51 4.34
N LEU A 172 -18.69 -4.37 5.02
CA LEU A 172 -18.44 -4.32 6.46
C LEU A 172 -19.30 -5.33 7.21
N GLU A 173 -20.54 -5.55 6.74
CA GLU A 173 -21.44 -6.49 7.40
C GLU A 173 -21.08 -7.94 7.05
N ASN A 174 -20.85 -8.22 5.76
CA ASN A 174 -20.58 -9.59 5.36
C ASN A 174 -19.21 -10.06 5.85
N GLY A 175 -18.25 -9.15 5.96
CA GLY A 175 -16.94 -9.49 6.47
C GLY A 175 -16.74 -9.02 7.89
N LYS A 176 -17.85 -8.84 8.62
CA LYS A 176 -17.79 -8.31 9.98
C LYS A 176 -16.73 -9.02 10.81
N GLU A 177 -16.58 -10.33 10.63
CA GLU A 177 -15.78 -11.14 11.55
C GLU A 177 -14.28 -10.94 11.35
N THR A 178 -13.85 -10.41 10.21
CA THR A 178 -12.45 -10.03 10.02
C THR A 178 -12.26 -8.52 9.87
N LEU A 179 -13.18 -7.82 9.21
CA LEU A 179 -13.03 -6.39 8.97
C LEU A 179 -13.31 -5.53 10.21
N GLN A 180 -14.13 -6.00 11.15
CA GLN A 180 -14.40 -5.24 12.37
C GLN A 180 -13.67 -5.81 13.58
N ARG A 181 -12.74 -6.75 13.35
CA ARG A 181 -11.80 -7.17 14.36
C ARG A 181 -10.74 -6.09 14.56
N THR A 182 -10.13 -6.11 15.74
CA THR A 182 -8.85 -5.46 15.96
C THR A 182 -7.94 -6.54 16.52
N ASP A 183 -6.80 -6.74 15.89
CA ASP A 183 -5.77 -7.54 16.53
C ASP A 183 -4.78 -6.58 17.16
N PRO A 184 -4.64 -6.59 18.48
CA PRO A 184 -3.72 -5.68 19.12
C PRO A 184 -2.30 -6.12 18.86
N PRO A 185 -1.34 -5.19 18.86
CA PRO A 185 0.05 -5.58 18.61
C PRO A 185 0.56 -6.49 19.71
N LYS A 186 1.33 -7.50 19.31
CA LYS A 186 2.17 -8.27 20.21
C LYS A 186 3.52 -7.56 20.30
N THR A 187 3.89 -7.08 21.47
CA THR A 187 5.06 -6.24 21.61
C THR A 187 6.19 -6.94 22.35
N HIS A 188 7.43 -6.58 21.99
CA HIS A 188 8.60 -6.98 22.77
C HIS A 188 9.74 -6.03 22.47
N MET A 189 10.81 -6.15 23.25
CA MET A 189 11.98 -5.32 23.08
C MET A 189 13.19 -6.19 22.80
N THR A 190 14.07 -5.70 21.94
CA THR A 190 15.37 -6.30 21.75
C THR A 190 16.43 -5.29 22.16
N HIS A 191 17.64 -5.79 22.39
CA HIS A 191 18.71 -5.01 22.98
C HIS A 191 20.05 -5.57 22.50
N HIS A 192 20.88 -4.71 21.89
CA HIS A 192 22.16 -5.11 21.33
C HIS A 192 23.22 -4.05 21.61
N PRO A 193 24.33 -4.38 22.25
CA PRO A 193 25.40 -3.39 22.41
C PRO A 193 26.07 -3.10 21.08
N ILE A 194 26.42 -1.84 20.88
CA ILE A 194 27.08 -1.39 19.66
C ILE A 194 28.56 -1.13 19.90
N SER A 195 28.91 -0.67 21.09
CA SER A 195 30.27 -0.34 21.46
C SER A 195 30.41 -0.65 22.95
N ASP A 196 31.54 -0.25 23.55
CA ASP A 196 31.63 -0.39 24.99
C ASP A 196 30.78 0.63 25.73
N HIS A 197 30.24 1.64 25.04
CA HIS A 197 29.45 2.66 25.72
C HIS A 197 28.07 2.91 25.13
N GLU A 198 27.69 2.29 24.01
CA GLU A 198 26.34 2.49 23.52
C GLU A 198 25.65 1.16 23.22
N ALA A 199 24.32 1.22 23.16
CA ALA A 199 23.50 0.05 22.87
C ALA A 199 22.23 0.49 22.15
N THR A 200 21.71 -0.40 21.28
CA THR A 200 20.42 -0.22 20.63
C THR A 200 19.32 -0.88 21.45
N LEU A 201 18.23 -0.15 21.68
CA LEU A 201 16.96 -0.72 22.12
C LEU A 201 15.99 -0.67 20.96
N ARG A 202 15.37 -1.80 20.62
CA ARG A 202 14.42 -1.82 19.53
C ARG A 202 13.07 -2.27 20.06
N CYS A 203 12.04 -1.47 19.79
CA CYS A 203 10.70 -1.74 20.28
C CYS A 203 9.83 -2.28 19.15
N TRP A 204 9.21 -3.44 19.38
CA TRP A 204 8.55 -4.22 18.34
C TRP A 204 7.03 -4.25 18.50
N ALA A 205 6.31 -4.08 17.39
CA ALA A 205 4.86 -4.24 17.36
C ALA A 205 4.56 -5.22 16.24
N LEU A 206 4.03 -6.41 16.59
CA LEU A 206 3.81 -7.46 15.61
C LEU A 206 2.36 -7.90 15.60
N GLY A 207 1.90 -8.36 14.44
CA GLY A 207 0.63 -9.06 14.36
C GLY A 207 -0.60 -8.20 14.55
N PHE A 208 -0.53 -6.92 14.24
CA PHE A 208 -1.62 -6.01 14.55
C PHE A 208 -2.40 -5.61 13.30
N TYR A 209 -3.66 -5.23 13.54
CA TYR A 209 -4.59 -4.80 12.53
C TYR A 209 -5.60 -3.90 13.23
N PRO A 210 -5.95 -2.74 12.65
CA PRO A 210 -5.47 -2.15 11.40
C PRO A 210 -4.04 -1.66 11.47
N ALA A 211 -3.55 -1.16 10.33
CA ALA A 211 -2.15 -0.75 10.21
C ALA A 211 -1.83 0.47 11.06
N GLU A 212 -2.80 1.35 11.31
CA GLU A 212 -2.52 2.57 12.05
C GLU A 212 -1.96 2.25 13.43
N ILE A 213 -0.82 2.84 13.76
CA ILE A 213 -0.21 2.60 15.05
C ILE A 213 0.77 3.72 15.32
N THR A 214 1.03 3.98 16.60
CA THR A 214 2.05 4.94 16.99
C THR A 214 3.00 4.29 17.96
N LEU A 215 4.29 4.33 17.65
CA LEU A 215 5.37 3.95 18.55
C LEU A 215 6.21 5.18 18.84
N THR A 216 6.43 5.46 20.11
CA THR A 216 7.22 6.61 20.51
C THR A 216 8.17 6.17 21.60
N TRP A 217 9.40 6.65 21.54
CA TRP A 217 10.37 6.46 22.61
C TRP A 217 10.38 7.70 23.49
N GLN A 218 10.51 7.51 24.79
CA GLN A 218 10.74 8.60 25.72
C GLN A 218 11.99 8.32 26.56
N ARG A 219 12.65 9.41 26.98
CA ARG A 219 13.74 9.36 27.94
C ARG A 219 13.37 10.20 29.14
N ASP A 220 13.28 9.56 30.31
CA ASP A 220 12.83 10.21 31.53
C ASP A 220 11.50 10.94 31.30
N GLY A 221 10.69 10.40 30.39
CA GLY A 221 9.39 10.97 30.10
C GLY A 221 9.36 12.06 29.05
N GLU A 222 10.41 12.21 28.25
CA GLU A 222 10.48 13.23 27.21
C GLU A 222 10.61 12.55 25.87
N ASP A 223 9.71 12.88 24.93
CA ASP A 223 9.74 12.25 23.61
C ASP A 223 11.12 12.43 22.98
N GLN A 224 11.67 11.33 22.48
CA GLN A 224 12.95 11.34 21.81
C GLN A 224 12.81 11.47 20.30
N THR A 225 11.81 12.23 19.84
CA THR A 225 11.41 12.32 18.44
C THR A 225 12.57 12.30 17.44
N GLN A 226 13.66 13.00 17.73
CA GLN A 226 14.69 13.20 16.71
C GLN A 226 15.66 12.02 16.61
N ASP A 227 15.90 11.27 17.70
CA ASP A 227 16.99 10.30 17.74
C ASP A 227 16.53 8.86 17.51
N THR A 228 15.26 8.66 17.20
CA THR A 228 14.70 7.34 17.01
C THR A 228 14.68 6.98 15.53
N GLU A 229 15.21 5.80 15.20
CA GLU A 229 14.99 5.19 13.90
C GLU A 229 13.65 4.48 13.91
N LEU A 230 12.78 4.85 12.97
CA LEU A 230 11.42 4.35 12.88
C LEU A 230 11.21 3.83 11.47
N VAL A 231 10.75 2.58 11.33
CA VAL A 231 10.55 2.05 9.98
C VAL A 231 9.09 2.21 9.60
N GLU A 232 8.85 2.27 8.29
CA GLU A 232 7.50 2.26 7.76
C GLU A 232 6.75 1.01 8.19
N THR A 233 5.48 1.19 8.53
CA THR A 233 4.63 0.05 8.84
C THR A 233 4.58 -0.90 7.65
N ARG A 234 4.73 -2.19 7.92
CA ARG A 234 4.93 -3.13 6.82
C ARG A 234 3.99 -4.32 6.96
N PRO A 235 3.62 -4.95 5.84
CA PRO A 235 2.71 -6.11 5.91
C PRO A 235 3.47 -7.37 6.29
N ALA A 236 2.90 -8.13 7.22
CA ALA A 236 3.44 -9.44 7.56
C ALA A 236 3.17 -10.48 6.48
N GLY A 237 2.13 -10.28 5.66
CA GLY A 237 1.75 -11.23 4.64
C GLY A 237 0.50 -12.04 4.94
N ASP A 238 0.00 -11.98 6.17
CA ASP A 238 -1.15 -12.78 6.61
C ASP A 238 -2.34 -11.92 6.95
N GLY A 239 -2.35 -10.66 6.50
CA GLY A 239 -3.39 -9.73 6.87
C GLY A 239 -3.03 -8.80 8.03
N THR A 240 -1.92 -9.01 8.70
CA THR A 240 -1.53 -8.14 9.80
C THR A 240 -0.30 -7.34 9.43
N PHE A 241 0.14 -6.50 10.37
CA PHE A 241 1.20 -5.56 10.10
C PHE A 241 2.24 -5.60 11.22
N GLN A 242 3.38 -4.97 10.95
CA GLN A 242 4.55 -4.97 11.83
C GLN A 242 5.15 -3.58 11.82
N LYS A 243 5.81 -3.21 12.91
CA LYS A 243 6.51 -1.93 12.94
C LYS A 243 7.48 -1.95 14.10
N TRP A 244 8.59 -1.21 13.96
CA TRP A 244 9.48 -1.10 15.10
C TRP A 244 10.11 0.28 15.13
N VAL A 245 10.52 0.67 16.34
CA VAL A 245 11.20 1.91 16.67
C VAL A 245 12.42 1.55 17.50
N ALA A 246 13.56 2.12 17.14
CA ALA A 246 14.83 1.83 17.78
C ALA A 246 15.51 3.13 18.17
N VAL A 247 16.38 3.04 19.17
CA VAL A 247 17.04 4.19 19.77
C VAL A 247 18.37 3.71 20.32
N VAL A 248 19.42 4.46 20.05
CA VAL A 248 20.74 4.19 20.59
C VAL A 248 20.85 4.90 21.93
N VAL A 249 21.24 4.17 22.97
CA VAL A 249 21.26 4.71 24.32
C VAL A 249 22.65 4.49 24.91
N PRO A 250 23.02 5.24 25.95
CA PRO A 250 24.28 4.95 26.63
C PRO A 250 24.14 3.62 27.36
N SER A 251 25.14 2.76 27.19
CA SER A 251 25.17 1.50 27.90
C SER A 251 25.10 1.77 29.40
N GLY A 252 24.14 1.17 30.07
CA GLY A 252 23.93 1.33 31.49
C GLY A 252 22.75 2.20 31.82
N GLN A 253 22.20 2.91 30.83
CA GLN A 253 21.11 3.86 31.07
C GLN A 253 19.79 3.41 30.43
N GLU A 254 19.69 2.12 30.08
CA GLU A 254 18.50 1.61 29.40
C GLU A 254 17.23 1.88 30.19
N GLN A 255 17.28 1.83 31.52
CA GLN A 255 16.07 2.00 32.31
C GLN A 255 15.43 3.36 32.18
N ARG A 256 16.11 4.33 31.58
CA ARG A 256 15.48 5.64 31.43
C ARG A 256 14.60 5.74 30.20
N TYR A 257 14.61 4.73 29.32
CA TYR A 257 13.87 4.80 28.06
C TYR A 257 12.62 3.95 28.14
N THR A 258 11.51 4.52 27.70
CA THR A 258 10.25 3.80 27.61
C THR A 258 9.73 3.87 26.18
N CYS A 259 9.21 2.75 25.71
CA CYS A 259 8.56 2.68 24.42
C CYS A 259 7.06 2.64 24.66
N HIS A 260 6.36 3.53 23.99
CA HIS A 260 4.92 3.67 24.15
C HIS A 260 4.26 3.27 22.85
N VAL A 261 3.24 2.42 22.96
CA VAL A 261 2.60 1.80 21.82
C VAL A 261 1.13 2.13 21.92
N GLN A 262 0.61 2.84 20.92
CA GLN A 262 -0.80 3.17 20.86
C GLN A 262 -1.37 2.48 19.65
N HIS A 263 -2.46 1.78 19.86
CA HIS A 263 -3.17 1.08 18.80
C HIS A 263 -4.60 0.93 19.27
N GLU A 264 -5.53 0.93 18.31
CA GLU A 264 -6.94 0.92 18.69
C GLU A 264 -7.38 -0.42 19.26
N GLY A 265 -6.63 -1.49 19.01
CA GLY A 265 -6.95 -2.72 19.68
C GLY A 265 -6.45 -2.82 21.10
N LEU A 266 -5.76 -1.78 21.60
CA LEU A 266 -5.23 -1.78 22.96
C LEU A 266 -6.17 -1.01 23.87
N PRO A 267 -6.82 -1.67 24.85
CA PRO A 267 -7.68 -0.92 25.78
C PRO A 267 -7.01 0.34 26.31
N LYS A 268 -5.76 0.21 26.78
CA LYS A 268 -4.91 1.32 27.16
C LYS A 268 -3.54 1.15 26.51
N PRO A 269 -2.84 2.25 26.22
CA PRO A 269 -1.54 2.13 25.55
C PRO A 269 -0.51 1.43 26.42
N LEU A 270 0.39 0.71 25.75
CA LEU A 270 1.40 -0.10 26.44
C LEU A 270 2.65 0.73 26.64
N THR A 271 3.35 0.45 27.74
CA THR A 271 4.64 1.05 28.03
C THR A 271 5.61 -0.11 28.24
N LEU A 272 6.75 -0.07 27.55
CA LEU A 272 7.75 -1.13 27.64
C LEU A 272 9.07 -0.52 28.09
N ARG A 273 9.74 -1.21 29.01
CA ARG A 273 11.01 -0.73 29.55
C ARG A 273 11.96 -1.89 29.62
N TRP A 274 13.19 -1.70 29.15
CA TRP A 274 14.20 -2.74 29.27
C TRP A 274 14.78 -2.79 30.68
N ILE B 1 8.76 12.86 -11.51
CA ILE B 1 10.09 12.30 -11.56
C ILE B 1 10.13 10.96 -10.87
N GLN B 2 11.33 10.45 -10.66
CA GLN B 2 11.51 9.10 -10.18
C GLN B 2 11.87 9.09 -8.71
N ARG B 3 11.50 8.01 -8.04
CA ARG B 3 11.72 7.88 -6.61
C ARG B 3 12.22 6.48 -6.35
N THR B 4 13.29 6.38 -5.53
CA THR B 4 14.01 5.14 -5.25
C THR B 4 13.27 4.35 -4.19
N PRO B 5 13.23 3.03 -4.31
CA PRO B 5 12.46 2.26 -3.34
C PRO B 5 13.14 2.26 -2.00
N LYS B 6 12.33 2.33 -0.94
CA LYS B 6 12.73 1.83 0.35
C LYS B 6 12.57 0.32 0.35
N ILE B 7 13.46 -0.38 1.05
CA ILE B 7 13.53 -1.84 1.04
C ILE B 7 13.61 -2.36 2.46
N GLN B 8 12.66 -3.18 2.85
CA GLN B 8 12.71 -3.89 4.13
C GLN B 8 12.68 -5.39 3.86
N VAL B 9 13.60 -6.13 4.48
CA VAL B 9 13.69 -7.58 4.37
C VAL B 9 13.49 -8.16 5.76
N TYR B 10 12.54 -9.08 5.90
CA TYR B 10 12.18 -9.55 7.23
C TYR B 10 11.40 -10.84 7.11
N SER B 11 11.21 -11.51 8.25
CA SER B 11 10.42 -12.72 8.30
C SER B 11 9.05 -12.40 8.88
N ARG B 12 8.04 -13.15 8.44
CA ARG B 12 6.68 -12.96 8.93
C ARG B 12 6.61 -13.14 10.45
N HIS B 13 7.34 -14.12 10.98
CA HIS B 13 7.42 -14.36 12.41
C HIS B 13 8.87 -14.28 12.87
N PRO B 14 9.11 -13.99 14.14
CA PRO B 14 10.50 -14.02 14.63
C PRO B 14 11.18 -15.34 14.27
N ALA B 15 12.39 -15.26 13.74
CA ALA B 15 13.04 -16.44 13.17
C ALA B 15 13.40 -17.48 14.24
N GLU B 16 13.08 -18.74 13.95
CA GLU B 16 13.61 -19.87 14.70
C GLU B 16 14.10 -20.90 13.71
N ASN B 17 15.38 -21.25 13.80
CA ASN B 17 15.95 -22.24 12.90
C ASN B 17 15.13 -23.52 12.94
N GLY B 18 14.82 -24.05 11.76
CA GLY B 18 14.04 -25.26 11.66
C GLY B 18 12.55 -25.06 11.70
N LYS B 19 12.06 -23.86 11.97
CA LYS B 19 10.63 -23.64 11.95
C LYS B 19 10.23 -22.91 10.67
N SER B 20 9.25 -23.47 9.99
CA SER B 20 8.68 -22.87 8.78
C SER B 20 8.29 -21.42 9.04
N ASN B 21 8.47 -20.59 8.02
CA ASN B 21 8.29 -19.15 8.14
C ASN B 21 8.08 -18.60 6.75
N PHE B 22 7.94 -17.28 6.67
CA PHE B 22 7.84 -16.60 5.39
C PHE B 22 8.89 -15.49 5.33
N LEU B 23 9.56 -15.39 4.20
CA LEU B 23 10.58 -14.38 3.98
C LEU B 23 9.98 -13.29 3.12
N ASN B 24 9.96 -12.05 3.63
CA ASN B 24 9.34 -10.92 3.00
C ASN B 24 10.39 -9.93 2.50
N CYS B 25 10.14 -9.37 1.32
CA CYS B 25 10.83 -8.15 0.90
C CYS B 25 9.76 -7.14 0.54
N TYR B 26 9.72 -6.03 1.29
CA TYR B 26 8.75 -4.94 1.12
C TYR B 26 9.43 -3.74 0.49
N VAL B 27 9.01 -3.39 -0.72
CA VAL B 27 9.56 -2.25 -1.43
C VAL B 27 8.47 -1.19 -1.53
N SER B 28 8.83 0.07 -1.32
CA SER B 28 7.82 1.10 -1.28
C SER B 28 8.44 2.45 -1.59
N GLY B 29 7.58 3.46 -1.71
CA GLY B 29 8.07 4.79 -1.99
C GLY B 29 8.69 4.98 -3.35
N PHE B 30 8.45 4.06 -4.30
CA PHE B 30 9.12 4.15 -5.59
C PHE B 30 8.19 4.59 -6.71
N HIS B 31 8.81 5.09 -7.79
CA HIS B 31 8.13 5.54 -9.00
C HIS B 31 9.19 5.64 -10.08
N PRO B 32 8.92 5.13 -11.29
CA PRO B 32 7.71 4.44 -11.74
C PRO B 32 7.59 3.01 -11.19
N SER B 33 6.52 2.33 -11.59
CA SER B 33 6.12 1.05 -11.01
C SER B 33 6.94 -0.13 -11.53
N ASP B 34 7.52 0.01 -12.72
CA ASP B 34 8.39 -1.01 -13.27
C ASP B 34 9.53 -1.31 -12.29
N ILE B 35 9.62 -2.57 -11.84
CA ILE B 35 10.63 -2.95 -10.85
C ILE B 35 10.75 -4.47 -10.89
N GLU B 36 11.94 -5.00 -10.61
CA GLU B 36 12.14 -6.42 -10.35
C GLU B 36 12.66 -6.59 -8.93
N VAL B 37 12.09 -7.54 -8.21
CA VAL B 37 12.44 -7.84 -6.83
C VAL B 37 12.68 -9.34 -6.72
N ASP B 38 13.92 -9.73 -6.45
CA ASP B 38 14.23 -11.15 -6.33
C ASP B 38 14.75 -11.46 -4.92
N LEU B 39 14.48 -12.67 -4.46
CA LEU B 39 14.95 -13.15 -3.18
C LEU B 39 16.07 -14.14 -3.42
N LEU B 40 17.17 -13.97 -2.70
CA LEU B 40 18.35 -14.81 -2.87
C LEU B 40 18.57 -15.63 -1.60
N LYS B 41 19.05 -16.84 -1.80
CA LYS B 41 19.46 -17.74 -0.73
C LYS B 41 20.89 -18.10 -1.05
N ASN B 42 21.83 -17.64 -0.23
CA ASN B 42 23.25 -17.85 -0.47
C ASN B 42 23.62 -17.39 -1.88
N GLY B 43 23.13 -16.21 -2.25
CA GLY B 43 23.45 -15.60 -3.53
C GLY B 43 22.67 -16.11 -4.73
N GLU B 44 21.93 -17.21 -4.63
CA GLU B 44 21.20 -17.77 -5.76
C GLU B 44 19.73 -17.37 -5.71
N ARG B 45 19.19 -17.01 -6.87
CA ARG B 45 17.82 -16.54 -6.95
C ARG B 45 16.82 -17.65 -6.60
N ILE B 46 15.92 -17.36 -5.66
CA ILE B 46 14.89 -18.33 -5.31
C ILE B 46 13.84 -18.38 -6.40
N GLU B 47 13.39 -19.59 -6.72
CA GLU B 47 12.64 -19.80 -7.96
C GLU B 47 11.19 -19.35 -7.81
N LYS B 48 10.50 -19.81 -6.78
CA LYS B 48 9.07 -19.54 -6.65
C LYS B 48 8.87 -18.46 -5.58
N VAL B 49 8.66 -17.24 -6.04
CA VAL B 49 8.44 -16.08 -5.19
C VAL B 49 7.16 -15.42 -5.65
N GLU B 50 6.27 -15.12 -4.72
CA GLU B 50 5.04 -14.44 -5.07
C GLU B 50 5.08 -12.96 -4.65
N HIS B 51 4.16 -12.18 -5.21
CA HIS B 51 4.08 -10.78 -4.81
C HIS B 51 2.62 -10.35 -4.72
N SER B 52 2.41 -9.28 -3.96
CA SER B 52 1.11 -8.64 -3.86
C SER B 52 0.78 -7.91 -5.16
N ASP B 53 -0.46 -7.44 -5.24
CA ASP B 53 -0.89 -6.64 -6.38
C ASP B 53 -0.48 -5.19 -6.20
N LEU B 54 0.03 -4.60 -7.28
CA LEU B 54 0.56 -3.23 -7.24
C LEU B 54 -0.44 -2.24 -6.68
N SER B 55 -0.03 -1.52 -5.65
CA SER B 55 -0.84 -0.47 -5.07
C SER B 55 0.05 0.74 -4.83
N PHE B 56 -0.52 1.80 -4.27
CA PHE B 56 0.29 2.99 -4.06
C PHE B 56 -0.27 3.82 -2.90
N SER B 57 0.56 4.77 -2.46
CA SER B 57 0.32 5.58 -1.28
C SER B 57 -0.23 6.95 -1.66
N LYS B 58 -0.44 7.77 -0.62
CA LYS B 58 -1.09 9.06 -0.78
C LYS B 58 -0.29 9.97 -1.69
N ASP B 59 1.03 9.91 -1.60
CA ASP B 59 1.90 10.69 -2.47
C ASP B 59 2.09 10.04 -3.83
N TRP B 60 1.31 9.01 -4.15
CA TRP B 60 1.30 8.26 -5.42
C TRP B 60 2.46 7.29 -5.60
N SER B 61 3.31 7.09 -4.60
CA SER B 61 4.43 6.17 -4.79
C SER B 61 3.98 4.73 -4.54
N PHE B 62 4.60 3.81 -5.25
CA PHE B 62 4.16 2.41 -5.30
C PHE B 62 4.73 1.61 -4.13
N TYR B 63 4.07 0.48 -3.84
CA TYR B 63 4.60 -0.48 -2.88
C TYR B 63 4.17 -1.89 -3.26
N LEU B 64 5.02 -2.86 -2.94
CA LEU B 64 4.77 -4.26 -3.25
C LEU B 64 5.39 -5.11 -2.15
N LEU B 65 4.77 -6.25 -1.87
CA LEU B 65 5.35 -7.27 -1.00
C LEU B 65 5.71 -8.46 -1.86
N TYR B 66 6.97 -8.87 -1.81
CA TYR B 66 7.40 -10.14 -2.39
C TYR B 66 7.67 -11.08 -1.23
N TYR B 67 7.27 -12.35 -1.38
CA TYR B 67 7.41 -13.23 -0.24
C TYR B 67 7.59 -14.66 -0.71
N THR B 68 8.23 -15.46 0.14
CA THR B 68 8.28 -16.88 -0.13
C THR B 68 8.32 -17.60 1.20
N GLU B 69 7.65 -18.75 1.26
CA GLU B 69 7.75 -19.65 2.39
C GLU B 69 9.17 -20.17 2.50
N PHE B 70 9.71 -20.23 3.72
CA PHE B 70 11.05 -20.77 3.89
C PHE B 70 11.23 -21.30 5.31
N THR B 71 12.31 -22.07 5.49
CA THR B 71 12.73 -22.54 6.79
C THR B 71 14.14 -22.06 7.08
N PRO B 72 14.32 -21.09 7.97
CA PRO B 72 15.66 -20.57 8.24
C PRO B 72 16.52 -21.61 8.93
N THR B 73 17.82 -21.55 8.63
CA THR B 73 18.84 -22.30 9.34
C THR B 73 19.93 -21.33 9.76
N GLU B 74 20.91 -21.87 10.49
CA GLU B 74 21.98 -21.04 11.01
C GLU B 74 22.88 -20.50 9.90
N LYS B 75 23.11 -21.28 8.85
CA LYS B 75 24.12 -20.91 7.87
C LYS B 75 23.56 -20.26 6.61
N ASP B 76 22.29 -20.47 6.29
CA ASP B 76 21.72 -19.88 5.09
C ASP B 76 21.57 -18.38 5.24
N GLU B 77 22.12 -17.63 4.30
CA GLU B 77 21.88 -16.19 4.27
C GLU B 77 20.90 -15.81 3.18
N TYR B 78 19.99 -14.94 3.53
CA TYR B 78 18.98 -14.48 2.60
C TYR B 78 19.17 -13.00 2.34
N ALA B 79 18.89 -12.59 1.11
CA ALA B 79 18.94 -11.20 0.73
C ALA B 79 17.83 -10.91 -0.27
N CYS B 80 17.57 -9.63 -0.48
CA CYS B 80 16.61 -9.14 -1.44
C CYS B 80 17.34 -8.30 -2.48
N ARG B 81 17.09 -8.57 -3.76
CA ARG B 81 17.74 -7.83 -4.84
C ARG B 81 16.69 -7.02 -5.57
N VAL B 82 16.82 -5.69 -5.51
CA VAL B 82 15.84 -4.78 -6.07
C VAL B 82 16.46 -4.11 -7.29
N ASN B 83 15.79 -4.24 -8.43
CA ASN B 83 16.27 -3.71 -9.69
C ASN B 83 15.32 -2.60 -10.13
N HIS B 84 15.82 -1.38 -10.21
CA HIS B 84 14.94 -0.24 -10.47
C HIS B 84 15.67 0.79 -11.31
N VAL B 85 14.90 1.59 -12.06
CA VAL B 85 15.52 2.58 -12.94
C VAL B 85 16.35 3.59 -12.15
N THR B 86 16.01 3.83 -10.87
CA THR B 86 16.75 4.79 -10.06
C THR B 86 18.04 4.24 -9.48
N LEU B 87 18.30 2.95 -9.62
CA LEU B 87 19.50 2.32 -9.08
C LEU B 87 20.38 1.93 -10.26
N SER B 88 21.56 2.56 -10.36
CA SER B 88 22.43 2.25 -11.48
C SER B 88 23.01 0.84 -11.38
N GLN B 89 23.02 0.26 -10.19
CA GLN B 89 23.15 -1.18 -10.09
C GLN B 89 22.12 -1.69 -9.08
N PRO B 90 21.66 -2.92 -9.22
CA PRO B 90 20.65 -3.43 -8.29
C PRO B 90 21.16 -3.39 -6.85
N LYS B 91 20.28 -2.97 -5.96
CA LYS B 91 20.53 -2.92 -4.53
C LYS B 91 20.22 -4.29 -3.93
N ILE B 92 21.13 -4.80 -3.11
CA ILE B 92 20.98 -6.10 -2.47
C ILE B 92 20.98 -5.87 -0.96
N VAL B 93 19.85 -6.16 -0.32
CA VAL B 93 19.68 -5.96 1.11
C VAL B 93 19.66 -7.32 1.79
N LYS B 94 20.57 -7.54 2.73
CA LYS B 94 20.64 -8.79 3.47
C LYS B 94 19.57 -8.85 4.57
N TRP B 95 19.03 -10.04 4.78
CA TRP B 95 18.08 -10.24 5.85
C TRP B 95 18.76 -10.17 7.20
N ASP B 96 18.26 -9.33 8.08
CA ASP B 96 18.69 -9.28 9.48
C ASP B 96 17.54 -9.79 10.33
N ARG B 97 17.80 -10.77 11.19
CA ARG B 97 16.72 -11.37 11.95
C ARG B 97 16.08 -10.41 12.96
N ASP B 98 16.74 -9.31 13.32
CA ASP B 98 16.15 -8.34 14.22
C ASP B 98 15.87 -7.00 13.54
N MET B 99 15.50 -7.03 12.27
CA MET B 99 15.13 -5.83 11.57
C MET B 99 13.93 -6.12 10.68
N VAL C 1 -17.68 -2.14 -4.60
CA VAL C 1 -18.08 -2.05 -6.01
C VAL C 1 -17.42 -0.85 -6.70
N VAL C 2 -16.92 -1.04 -7.92
CA VAL C 2 -16.20 0.02 -8.61
C VAL C 2 -17.17 1.05 -9.16
N GLY C 3 -16.64 2.19 -9.60
CA GLY C 3 -17.46 3.19 -10.25
C GLY C 3 -17.73 2.87 -11.70
N ALA C 4 -18.67 3.62 -12.27
CA ALA C 4 -19.12 3.41 -13.65
C ALA C 4 -18.32 4.28 -14.61
N GLY C 5 -18.61 4.12 -15.90
CA GLY C 5 -17.92 4.77 -17.00
C GLY C 5 -17.54 6.22 -16.82
N GLY C 6 -16.25 6.46 -16.64
CA GLY C 6 -15.74 7.82 -16.55
C GLY C 6 -15.75 8.51 -17.90
N VAL C 7 -15.49 9.81 -17.86
CA VAL C 7 -15.70 10.64 -19.05
C VAL C 7 -14.60 10.44 -20.06
N GLY C 8 -13.37 10.69 -19.66
CA GLY C 8 -12.30 10.82 -20.64
C GLY C 8 -11.60 12.15 -20.49
N LYS C 9 -10.27 12.11 -20.31
CA LYS C 9 -9.48 13.32 -20.00
C LYS C 9 -9.22 14.18 -21.24
#